data_4LP1
#
_entry.id   4LP1
#
_cell.length_a   39.821
_cell.length_b   49.992
_cell.length_c   46.580
_cell.angle_alpha   90.000
_cell.angle_beta   90.430
_cell.angle_gamma   90.000
#
_symmetry.space_group_name_H-M   'P 1 21 1'
#
loop_
_entity.id
_entity.type
_entity.pdbx_description
1 polymer 'Protein CyaY'
2 non-polymer 'EUROPIUM (III) ION'
3 water water
#
_entity_poly.entity_id   1
_entity_poly.type   'polypeptide(L)'
_entity_poly.pdbx_seq_one_letter_code
;MNDSEFIQLADQLYQKIEEKIEESGADVDYDQNGSLLTLEFENHTKLIINRQQPLHQVWLATLENGHHYDYNNGKWIDDR
SGDEFLTFLSAAIFKQSKETVDFTE
;
_entity_poly.pdbx_strand_id   A,B
#
loop_
_chem_comp.id
_chem_comp.type
_chem_comp.name
_chem_comp.formula
EU3 non-polymer 'EUROPIUM (III) ION' 'Eu 3'
#
# COMPACT_ATOMS: atom_id res chain seq x y z
N MET A 1 -1.48 -16.32 -14.73
CA MET A 1 -1.12 -14.96 -14.22
C MET A 1 0.20 -14.47 -14.83
N ASN A 2 0.23 -13.23 -15.30
CA ASN A 2 1.45 -12.61 -15.80
C ASN A 2 2.12 -11.77 -14.71
N ASP A 3 3.26 -11.20 -15.06
CA ASP A 3 4.08 -10.48 -14.10
C ASP A 3 3.34 -9.24 -13.60
N SER A 4 2.70 -8.52 -14.50
CA SER A 4 2.02 -7.27 -14.14
C SER A 4 0.87 -7.50 -13.16
N GLU A 5 0.17 -8.61 -13.32
CA GLU A 5 -0.96 -8.97 -12.46
C GLU A 5 -0.49 -9.44 -11.08
N PHE A 6 0.53 -10.28 -11.09
CA PHE A 6 1.18 -10.69 -9.83
C PHE A 6 1.58 -9.44 -9.06
N ILE A 7 2.17 -8.49 -9.76
CA ILE A 7 2.57 -7.23 -9.11
C ILE A 7 1.36 -6.55 -8.47
N GLN A 8 0.23 -6.51 -9.17
CA GLN A 8 -0.96 -5.88 -8.61
C GLN A 8 -1.40 -6.60 -7.34
N LEU A 9 -1.45 -7.91 -7.41
CA LEU A 9 -1.99 -8.68 -6.32
C LEU A 9 -1.06 -8.63 -5.12
N ALA A 10 0.24 -8.72 -5.36
CA ALA A 10 1.20 -8.65 -4.28
C ALA A 10 1.24 -7.26 -3.64
N ASP A 11 1.17 -6.20 -4.43
CA ASP A 11 1.05 -4.87 -3.87
C ASP A 11 -0.18 -4.73 -2.97
N GLN A 12 -1.33 -5.24 -3.41
CA GLN A 12 -2.51 -5.23 -2.57
C GLN A 12 -2.29 -5.97 -1.28
N LEU A 13 -1.63 -7.13 -1.34
CA LEU A 13 -1.32 -7.92 -0.17
C LEU A 13 -0.45 -7.12 0.81
N TYR A 14 0.63 -6.52 0.31
CA TYR A 14 1.48 -5.74 1.19
C TYR A 14 0.73 -4.55 1.81
N GLN A 15 -0.05 -3.81 1.03
CA GLN A 15 -0.80 -2.71 1.60
C GLN A 15 -1.80 -3.15 2.63
N LYS A 16 -2.47 -4.27 2.38
CA LYS A 16 -3.43 -4.81 3.34
C LYS A 16 -2.77 -5.18 4.67
N ILE A 17 -1.61 -5.84 4.60
CA ILE A 17 -0.89 -6.18 5.80
C ILE A 17 -0.57 -4.90 6.56
N GLU A 18 -0.08 -3.88 5.85
CA GLU A 18 0.28 -2.62 6.48
C GLU A 18 -0.96 -1.92 7.05
N GLU A 19 -2.02 -1.86 6.25
CA GLU A 19 -3.27 -1.23 6.68
C GLU A 19 -3.88 -1.93 7.92
N LYS A 20 -3.88 -3.26 7.92
CA LYS A 20 -4.50 -4.01 9.01
C LYS A 20 -3.70 -3.89 10.28
N ILE A 21 -2.40 -3.76 10.13
CA ILE A 21 -1.55 -3.50 11.27
C ILE A 21 -1.97 -2.14 11.82
N GLU A 22 -2.19 -1.18 10.94
CA GLU A 22 -2.71 0.13 11.36
C GLU A 22 -4.11 0.07 12.02
N GLU A 23 -5.05 -0.67 11.45
CA GLU A 23 -6.39 -0.82 12.05
C GLU A 23 -6.30 -1.32 13.47
N SER A 24 -5.34 -2.20 13.70
CA SER A 24 -5.29 -2.99 14.91
C SER A 24 -4.68 -2.22 16.08
N GLY A 25 -3.81 -1.26 15.78
CA GLY A 25 -3.08 -0.56 16.82
C GLY A 25 -1.94 -1.38 17.42
N ALA A 26 -1.70 -2.56 16.86
CA ALA A 26 -0.63 -3.44 17.35
C ALA A 26 0.75 -2.81 17.22
N ASP A 27 1.62 -3.21 18.16
CA ASP A 27 3.03 -2.82 18.17
C ASP A 27 3.84 -3.74 17.29
N VAL A 28 3.59 -3.63 16.00
CA VAL A 28 4.32 -4.37 14.99
C VAL A 28 4.81 -3.35 13.96
N ASP A 29 6.12 -3.22 13.88
CA ASP A 29 6.75 -2.32 12.95
C ASP A 29 6.84 -2.98 11.57
N TYR A 30 6.58 -2.22 10.53
CA TYR A 30 6.74 -2.73 9.17
C TYR A 30 7.58 -1.79 8.31
N ASP A 31 8.40 -2.40 7.45
CA ASP A 31 9.19 -1.65 6.48
C ASP A 31 9.25 -2.47 5.18
N GLN A 32 8.91 -1.83 4.07
CA GLN A 32 9.03 -2.50 2.78
C GLN A 32 10.35 -2.02 2.18
N ASN A 33 11.19 -2.98 1.79
CA ASN A 33 12.47 -2.71 1.13
C ASN A 33 12.54 -3.53 -0.16
N GLY A 34 12.11 -2.91 -1.25
CA GLY A 34 11.97 -3.58 -2.52
C GLY A 34 10.90 -4.66 -2.45
N SER A 35 11.27 -5.89 -2.82
CA SER A 35 10.40 -7.06 -2.80
C SER A 35 10.06 -7.55 -1.38
N LEU A 36 10.78 -7.04 -0.38
CA LEU A 36 10.65 -7.47 1.01
C LEU A 36 9.69 -6.63 1.84
N LEU A 37 8.93 -7.30 2.70
CA LEU A 37 8.18 -6.63 3.74
C LEU A 37 8.62 -7.28 5.04
N THR A 38 9.28 -6.50 5.88
CA THR A 38 9.83 -6.98 7.14
C THR A 38 8.96 -6.48 8.28
N LEU A 39 8.54 -7.42 9.14
CA LEU A 39 7.77 -7.11 10.33
C LEU A 39 8.63 -7.37 11.55
N GLU A 40 8.78 -6.35 12.39
CA GLU A 40 9.61 -6.49 13.58
C GLU A 40 8.82 -6.25 14.87
N PHE A 41 9.03 -7.14 15.83
CA PHE A 41 8.31 -7.07 17.10
C PHE A 41 9.20 -6.48 18.18
N GLU A 42 8.57 -6.10 19.27
CA GLU A 42 9.29 -5.41 20.34
C GLU A 42 10.31 -6.33 21.00
N ASN A 43 10.11 -7.64 20.92
CA ASN A 43 11.13 -8.59 21.38
C ASN A 43 12.29 -8.84 20.38
N HIS A 44 12.32 -8.06 19.30
CA HIS A 44 13.41 -8.04 18.30
C HIS A 44 13.36 -9.22 17.32
N THR A 45 12.33 -10.04 17.42
CA THR A 45 12.14 -11.11 16.44
C THR A 45 11.49 -10.50 15.22
N LYS A 46 11.53 -11.25 14.12
CA LYS A 46 11.03 -10.74 12.85
C LYS A 46 10.25 -11.80 12.06
N LEU A 47 9.30 -11.33 11.26
CA LEU A 47 8.77 -12.11 10.15
C LEU A 47 9.18 -11.42 8.86
N ILE A 48 9.71 -12.16 7.88
CA ILE A 48 10.11 -11.59 6.59
C ILE A 48 9.29 -12.21 5.47
N ILE A 49 8.63 -11.31 4.74
CA ILE A 49 7.78 -11.63 3.60
C ILE A 49 8.51 -11.18 2.37
N ASN A 50 8.59 -12.05 1.37
CA ASN A 50 9.32 -11.79 0.15
C ASN A 50 8.49 -12.13 -1.08
N ARG A 51 8.53 -11.26 -2.09
CA ARG A 51 7.92 -11.54 -3.39
C ARG A 51 8.88 -12.22 -4.36
N GLN A 52 8.42 -13.32 -4.96
CA GLN A 52 9.17 -14.00 -6.00
C GLN A 52 8.41 -13.99 -7.33
N GLN A 53 8.60 -12.92 -8.09
CA GLN A 53 7.85 -12.65 -9.32
C GLN A 53 7.89 -13.77 -10.37
N PRO A 54 9.06 -14.36 -10.63
CA PRO A 54 9.18 -15.40 -11.65
C PRO A 54 8.39 -16.66 -11.32
N LEU A 55 8.02 -16.83 -10.06
CA LEU A 55 7.26 -18.00 -9.63
C LEU A 55 5.84 -17.59 -9.29
N HIS A 56 5.61 -16.28 -9.31
CA HIS A 56 4.34 -15.73 -8.87
C HIS A 56 3.96 -16.22 -7.49
N GLN A 57 4.94 -16.19 -6.59
CA GLN A 57 4.72 -16.62 -5.22
C GLN A 57 5.07 -15.56 -4.20
N VAL A 58 4.43 -15.65 -3.05
CA VAL A 58 4.85 -14.91 -1.86
C VAL A 58 5.41 -15.91 -0.85
N TRP A 59 6.58 -15.58 -0.32
CA TRP A 59 7.28 -16.41 0.66
C TRP A 59 7.31 -15.74 2.03
N LEU A 60 7.14 -16.57 3.06
CA LEU A 60 7.19 -16.15 4.47
C LEU A 60 8.24 -16.93 5.22
N ALA A 61 9.07 -16.22 5.99
CA ALA A 61 10.11 -16.84 6.80
C ALA A 61 9.70 -16.57 8.25
N THR A 62 9.46 -17.64 8.99
CA THR A 62 9.22 -17.56 10.43
C THR A 62 10.50 -17.88 11.14
N LEU A 63 10.45 -17.93 12.46
CA LEU A 63 11.65 -18.26 13.23
C LEU A 63 12.09 -19.69 12.99
N GLU A 64 11.15 -20.57 12.64
CA GLU A 64 11.46 -21.99 12.48
C GLU A 64 11.54 -22.43 11.02
N ASN A 65 10.58 -22.00 10.19
CA ASN A 65 10.39 -22.56 8.86
C ASN A 65 10.04 -21.53 7.78
N GLY A 66 10.18 -21.94 6.53
CA GLY A 66 9.84 -21.13 5.38
C GLY A 66 8.57 -21.65 4.75
N HIS A 67 7.80 -20.75 4.14
CA HIS A 67 6.50 -21.08 3.57
C HIS A 67 6.36 -20.36 2.24
N HIS A 68 5.82 -21.07 1.24
CA HIS A 68 5.65 -20.54 -0.12
C HIS A 68 4.18 -20.58 -0.51
N TYR A 69 3.68 -19.44 -0.97
CA TYR A 69 2.24 -19.26 -1.22
C TYR A 69 1.88 -18.95 -2.68
N ASP A 70 0.81 -19.60 -3.15
CA ASP A 70 0.19 -19.36 -4.47
C ASP A 70 -1.14 -18.60 -4.31
N TYR A 71 -1.50 -17.76 -5.29
CA TYR A 71 -2.83 -17.14 -5.27
C TYR A 71 -3.81 -18.15 -5.88
N ASN A 72 -4.69 -18.66 -5.04
CA ASN A 72 -5.70 -19.63 -5.39
C ASN A 72 -7.00 -19.20 -4.77
N ASN A 73 -8.09 -19.18 -5.53
CA ASN A 73 -9.37 -19.01 -4.87
C ASN A 73 -9.53 -17.67 -4.15
N GLY A 74 -8.92 -16.63 -4.69
CA GLY A 74 -9.09 -15.29 -4.13
C GLY A 74 -8.27 -15.05 -2.86
N LYS A 75 -7.46 -16.05 -2.53
CA LYS A 75 -6.64 -16.07 -1.30
C LYS A 75 -5.17 -16.51 -1.59
N TRP A 76 -4.26 -16.27 -0.65
CA TRP A 76 -2.89 -16.79 -0.81
C TRP A 76 -2.75 -18.09 -0.04
N ILE A 77 -2.40 -19.15 -0.76
CA ILE A 77 -2.46 -20.51 -0.24
C ILE A 77 -1.13 -21.19 -0.22
N ASP A 78 -0.79 -21.73 0.96
CA ASP A 78 0.43 -22.52 1.17
C ASP A 78 0.41 -23.78 0.30
N ASP A 79 1.47 -23.99 -0.47
CA ASP A 79 1.47 -25.05 -1.49
C ASP A 79 1.77 -26.46 -0.95
N ARG A 80 1.87 -26.60 0.37
CA ARG A 80 2.05 -27.91 1.01
C ARG A 80 0.89 -28.19 1.97
N SER A 81 0.62 -27.20 2.81
CA SER A 81 -0.33 -27.34 3.91
C SER A 81 -1.74 -26.91 3.54
N GLY A 82 -1.85 -26.14 2.47
CA GLY A 82 -3.10 -25.55 2.06
C GLY A 82 -3.54 -24.40 2.96
N ASP A 83 -2.77 -24.11 3.99
CA ASP A 83 -3.11 -23.04 4.92
C ASP A 83 -3.13 -21.70 4.19
N GLU A 84 -4.03 -20.82 4.60
CA GLU A 84 -4.10 -19.49 4.01
C GLU A 84 -3.10 -18.57 4.69
N PHE A 85 -2.41 -17.78 3.87
CA PHE A 85 -1.35 -16.87 4.32
C PHE A 85 -1.76 -15.90 5.44
N LEU A 86 -2.92 -15.26 5.31
CA LEU A 86 -3.27 -14.22 6.28
C LEU A 86 -3.71 -14.81 7.63
N THR A 87 -4.36 -15.96 7.62
CA THR A 87 -4.73 -16.63 8.86
C THR A 87 -3.46 -17.05 9.60
N PHE A 88 -2.54 -17.60 8.83
CA PHE A 88 -1.26 -18.05 9.37
C PHE A 88 -0.44 -16.88 9.91
N LEU A 89 -0.39 -15.79 9.16
CA LEU A 89 0.30 -14.58 9.62
C LEU A 89 -0.27 -14.02 10.94
N SER A 90 -1.60 -14.01 11.11
CA SER A 90 -2.21 -13.54 12.36
C SER A 90 -1.72 -14.36 13.54
N ALA A 91 -1.67 -15.67 13.34
CA ALA A 91 -1.21 -16.58 14.37
C ALA A 91 0.27 -16.38 14.68
N ALA A 92 1.10 -16.24 13.64
CA ALA A 92 2.53 -16.01 13.86
C ALA A 92 2.76 -14.71 14.62
N ILE A 93 2.04 -13.66 14.25
CA ILE A 93 2.18 -12.40 14.95
C ILE A 93 1.82 -12.56 16.41
N PHE A 94 0.79 -13.36 16.65
CA PHE A 94 0.33 -13.55 18.01
C PHE A 94 1.35 -14.33 18.81
N LYS A 95 1.92 -15.38 18.23
CA LYS A 95 2.91 -16.19 18.94
C LYS A 95 4.11 -15.33 19.42
N GLN A 96 4.50 -14.34 18.61
CA GLN A 96 5.74 -13.56 18.83
C GLN A 96 5.55 -12.21 19.51
N SER A 97 4.31 -11.77 19.64
CA SER A 97 3.99 -10.45 20.19
C SER A 97 2.84 -10.55 21.19
N LYS A 98 2.10 -11.65 21.13
CA LYS A 98 0.91 -11.86 21.93
C LYS A 98 -0.14 -10.75 21.69
N GLU A 99 0.08 -9.95 20.64
CA GLU A 99 -0.89 -8.98 20.16
C GLU A 99 -1.64 -9.53 18.97
N THR A 100 -2.81 -8.97 18.75
CA THR A 100 -3.74 -9.55 17.81
C THR A 100 -3.99 -8.64 16.59
N VAL A 101 -3.68 -9.14 15.39
CA VAL A 101 -3.95 -8.46 14.12
C VAL A 101 -4.77 -9.38 13.21
N ASP A 102 -5.99 -8.94 12.91
CA ASP A 102 -6.92 -9.68 12.04
C ASP A 102 -6.86 -9.16 10.61
N PHE A 103 -6.61 -10.05 9.63
CA PHE A 103 -6.48 -9.65 8.22
C PHE A 103 -7.71 -10.07 7.44
N THR A 104 -8.67 -10.67 8.12
CA THR A 104 -9.97 -10.99 7.54
C THR A 104 -10.93 -9.81 7.64
N MET B 1 -14.98 12.79 12.13
CA MET B 1 -15.36 12.40 10.73
C MET B 1 -15.89 10.96 10.65
N ASN B 2 -17.01 10.79 9.95
CA ASN B 2 -17.52 9.44 9.65
C ASN B 2 -17.09 8.99 8.26
N ASP B 3 -17.37 7.73 7.94
CA ASP B 3 -16.84 7.10 6.74
C ASP B 3 -17.38 7.76 5.47
N SER B 4 -18.67 8.11 5.47
CA SER B 4 -19.29 8.67 4.28
C SER B 4 -18.68 10.03 3.94
N GLU B 5 -18.35 10.79 4.98
CA GLU B 5 -17.78 12.12 4.86
C GLU B 5 -16.35 12.03 4.36
N PHE B 6 -15.61 11.05 4.89
CA PHE B 6 -14.28 10.71 4.37
C PHE B 6 -14.28 10.46 2.86
N ILE B 7 -15.20 9.63 2.40
CA ILE B 7 -15.28 9.33 0.97
C ILE B 7 -15.56 10.60 0.16
N GLN B 8 -16.45 11.46 0.64
CA GLN B 8 -16.75 12.72 -0.05
C GLN B 8 -15.48 13.57 -0.13
N LEU B 9 -14.70 13.61 0.95
CA LEU B 9 -13.49 14.44 0.99
C LEU B 9 -12.41 13.85 0.09
N ALA B 10 -12.29 12.53 0.10
CA ALA B 10 -11.33 11.86 -0.75
C ALA B 10 -11.73 12.02 -2.22
N ASP B 11 -13.03 11.95 -2.48
CA ASP B 11 -13.55 12.25 -3.82
C ASP B 11 -13.16 13.63 -4.31
N GLN B 12 -13.29 14.65 -3.46
CA GLN B 12 -12.90 16.00 -3.86
C GLN B 12 -11.44 16.04 -4.22
N LEU B 13 -10.62 15.35 -3.43
CA LEU B 13 -9.20 15.29 -3.69
C LEU B 13 -8.91 14.65 -5.06
N TYR B 14 -9.51 13.51 -5.34
CA TYR B 14 -9.28 12.81 -6.59
C TYR B 14 -9.72 13.68 -7.79
N GLN B 15 -10.85 14.36 -7.62
CA GLN B 15 -11.39 15.25 -8.66
C GLN B 15 -10.43 16.39 -8.97
N LYS B 16 -9.82 16.96 -7.93
CA LYS B 16 -8.83 18.00 -8.09
C LYS B 16 -7.58 17.50 -8.83
N ILE B 17 -7.08 16.34 -8.45
CA ILE B 17 -5.92 15.73 -9.11
C ILE B 17 -6.21 15.48 -10.58
N GLU B 18 -7.36 14.90 -10.86
CA GLU B 18 -7.72 14.55 -12.23
C GLU B 18 -7.89 15.82 -13.04
N GLU B 19 -8.60 16.80 -12.49
CA GLU B 19 -8.84 18.05 -13.19
C GLU B 19 -7.53 18.78 -13.52
N LYS B 20 -6.62 18.81 -12.56
CA LYS B 20 -5.36 19.54 -12.75
C LYS B 20 -4.41 18.81 -13.70
N ILE B 21 -4.38 17.49 -13.68
CA ILE B 21 -3.57 16.74 -14.64
C ILE B 21 -4.13 16.97 -16.03
N GLU B 22 -5.45 16.95 -16.13
CA GLU B 22 -6.08 17.26 -17.40
C GLU B 22 -5.75 18.65 -17.92
N GLU B 23 -5.84 19.67 -17.05
CA GLU B 23 -5.48 21.06 -17.42
C GLU B 23 -4.08 21.13 -17.99
N SER B 24 -3.19 20.31 -17.45
CA SER B 24 -1.76 20.52 -17.64
C SER B 24 -1.27 20.06 -19.01
N GLY B 25 -1.98 19.11 -19.63
CA GLY B 25 -1.50 18.56 -20.87
C GLY B 25 -0.30 17.65 -20.68
N ALA B 26 0.10 17.43 -19.43
CA ALA B 26 1.25 16.58 -19.12
C ALA B 26 1.04 15.17 -19.66
N ASP B 27 2.14 14.53 -20.04
CA ASP B 27 2.08 13.18 -20.55
C ASP B 27 2.02 12.26 -19.35
N VAL B 28 0.91 12.36 -18.64
CA VAL B 28 0.65 11.53 -17.49
C VAL B 28 -0.73 10.94 -17.64
N ASP B 29 -0.79 9.63 -17.73
CA ASP B 29 -2.06 8.92 -17.83
C ASP B 29 -2.59 8.72 -16.41
N TYR B 30 -3.89 8.91 -16.21
CA TYR B 30 -4.51 8.64 -14.93
C TYR B 30 -5.71 7.75 -15.15
N ASP B 31 -5.92 6.82 -14.22
CA ASP B 31 -7.08 5.94 -14.25
C ASP B 31 -7.57 5.80 -12.86
N GLN B 32 -8.85 6.08 -12.65
CA GLN B 32 -9.43 5.90 -11.32
C GLN B 32 -10.34 4.69 -11.34
N ASN B 33 -10.19 3.84 -10.35
CA ASN B 33 -11.13 2.73 -10.10
C ASN B 33 -11.58 2.77 -8.64
N GLY B 34 -12.62 3.54 -8.35
CA GLY B 34 -13.08 3.73 -7.00
C GLY B 34 -12.01 4.35 -6.14
N SER B 35 -11.65 3.63 -5.09
CA SER B 35 -10.64 4.05 -4.13
C SER B 35 -9.24 4.17 -4.73
N LEU B 36 -9.00 3.53 -5.86
CA LEU B 36 -7.68 3.54 -6.45
C LEU B 36 -7.57 4.60 -7.56
N LEU B 37 -6.50 5.39 -7.47
CA LEU B 37 -6.11 6.34 -8.51
C LEU B 37 -4.68 6.05 -8.89
N THR B 38 -4.49 5.63 -10.14
CA THR B 38 -3.19 5.23 -10.65
C THR B 38 -2.67 6.27 -11.64
N LEU B 39 -1.44 6.73 -11.44
CA LEU B 39 -0.80 7.63 -12.38
C LEU B 39 0.33 6.90 -13.10
N GLU B 40 0.31 6.88 -14.44
CA GLU B 40 1.31 6.15 -15.22
C GLU B 40 2.16 7.13 -16.06
N PHE B 41 3.48 7.00 -15.93
CA PHE B 41 4.44 7.85 -16.64
C PHE B 41 5.10 7.10 -17.79
N GLU B 42 5.72 7.85 -18.68
CA GLU B 42 6.29 7.28 -19.89
C GLU B 42 7.52 6.42 -19.60
N ASN B 43 8.19 6.69 -18.49
CA ASN B 43 9.31 5.85 -18.05
C ASN B 43 8.83 4.57 -17.35
N HIS B 44 7.52 4.32 -17.40
CA HIS B 44 6.92 3.04 -16.97
C HIS B 44 6.79 2.91 -15.45
N THR B 45 7.08 4.00 -14.74
CA THR B 45 6.83 4.04 -13.32
C THR B 45 5.36 4.38 -13.12
N LYS B 46 4.88 4.11 -11.92
CA LYS B 46 3.49 4.36 -11.54
C LYS B 46 3.48 5.00 -10.17
N LEU B 47 2.53 5.89 -9.95
CA LEU B 47 2.18 6.33 -8.60
C LEU B 47 0.79 5.78 -8.35
N ILE B 48 0.64 5.18 -7.19
CA ILE B 48 -0.58 4.52 -6.78
C ILE B 48 -1.12 5.27 -5.59
N ILE B 49 -2.33 5.80 -5.74
CA ILE B 49 -3.00 6.54 -4.68
C ILE B 49 -4.22 5.72 -4.26
N ASN B 50 -4.36 5.43 -2.97
CA ASN B 50 -5.42 4.56 -2.45
C ASN B 50 -6.15 5.18 -1.27
N ARG B 51 -7.46 5.00 -1.16
CA ARG B 51 -8.17 5.36 0.05
C ARG B 51 -8.09 4.21 1.04
N GLN B 52 -7.80 4.52 2.29
CA GLN B 52 -7.84 3.52 3.35
C GLN B 52 -8.95 3.94 4.33
N GLN B 53 -10.17 3.50 4.02
CA GLN B 53 -11.38 3.96 4.70
C GLN B 53 -11.36 3.75 6.23
N PRO B 54 -10.89 2.58 6.71
CA PRO B 54 -10.86 2.34 8.16
C PRO B 54 -9.94 3.27 8.92
N LEU B 55 -9.02 3.92 8.21
CA LEU B 55 -8.06 4.84 8.81
C LEU B 55 -8.36 6.28 8.50
N HIS B 56 -9.34 6.51 7.62
CA HIS B 56 -9.62 7.83 7.07
C HIS B 56 -8.33 8.48 6.56
N GLN B 57 -7.54 7.70 5.84
CA GLN B 57 -6.32 8.19 5.22
C GLN B 57 -6.33 7.94 3.73
N VAL B 58 -5.56 8.76 3.04
CA VAL B 58 -5.20 8.54 1.66
C VAL B 58 -3.75 8.14 1.70
N TRP B 59 -3.41 7.07 1.00
CA TRP B 59 -2.03 6.59 0.92
C TRP B 59 -1.47 6.79 -0.47
N LEU B 60 -0.21 7.18 -0.55
CA LEU B 60 0.46 7.38 -1.84
C LEU B 60 1.67 6.46 -1.85
N ALA B 61 1.76 5.62 -2.88
CA ALA B 61 2.83 4.64 -3.03
C ALA B 61 3.64 4.83 -4.31
N THR B 62 4.96 4.95 -4.15
CA THR B 62 5.91 4.70 -5.22
C THR B 62 6.56 3.32 -5.04
N LEU B 63 7.49 2.97 -5.93
CA LEU B 63 8.18 1.68 -5.83
C LEU B 63 9.06 1.65 -4.58
N GLU B 64 9.46 2.84 -4.13
CA GLU B 64 10.41 2.98 -3.04
C GLU B 64 9.77 3.30 -1.69
N ASN B 65 8.80 4.22 -1.65
CA ASN B 65 8.35 4.72 -0.37
C ASN B 65 6.84 4.90 -0.29
N GLY B 66 6.32 4.80 0.93
CA GLY B 66 4.91 4.93 1.21
C GLY B 66 4.68 6.21 1.99
N HIS B 67 3.51 6.82 1.80
CA HIS B 67 3.16 8.08 2.43
C HIS B 67 1.72 8.02 2.82
N HIS B 68 1.44 8.42 4.06
CA HIS B 68 0.11 8.29 4.62
C HIS B 68 -0.40 9.67 5.05
N TYR B 69 -1.56 10.06 4.53
CA TYR B 69 -2.05 11.42 4.71
C TYR B 69 -3.34 11.44 5.51
N ASP B 70 -3.39 12.36 6.46
CA ASP B 70 -4.58 12.64 7.25
C ASP B 70 -5.20 13.94 6.77
N TYR B 71 -6.51 14.02 6.87
CA TYR B 71 -7.21 15.25 6.56
C TYR B 71 -7.13 16.22 7.72
N ASN B 72 -6.51 17.37 7.48
CA ASN B 72 -6.50 18.41 8.49
C ASN B 72 -6.75 19.78 7.85
N ASN B 73 -7.81 20.44 8.32
CA ASN B 73 -8.07 21.84 7.99
C ASN B 73 -8.09 22.08 6.48
N GLY B 74 -8.72 21.16 5.75
CA GLY B 74 -8.87 21.27 4.32
C GLY B 74 -7.71 20.80 3.46
N LYS B 75 -6.66 20.27 4.09
CA LYS B 75 -5.51 19.77 3.36
C LYS B 75 -5.21 18.35 3.83
N TRP B 76 -4.52 17.57 3.00
CA TRP B 76 -4.09 16.22 3.36
C TRP B 76 -2.62 16.24 3.75
N ILE B 77 -2.33 15.85 4.99
CA ILE B 77 -1.00 16.07 5.57
C ILE B 77 -0.33 14.74 5.91
N ASP B 78 0.90 14.59 5.42
CA ASP B 78 1.71 13.40 5.64
C ASP B 78 1.96 13.18 7.12
N ASP B 79 1.66 11.98 7.65
CA ASP B 79 1.70 11.80 9.10
C ASP B 79 3.12 11.56 9.60
N ARG B 80 4.12 11.68 8.72
CA ARG B 80 5.54 11.62 9.15
C ARG B 80 6.30 12.91 8.84
N SER B 81 6.16 13.43 7.64
CA SER B 81 6.90 14.62 7.23
C SER B 81 6.13 15.92 7.45
N GLY B 82 4.81 15.82 7.54
CA GLY B 82 3.96 16.99 7.56
C GLY B 82 3.75 17.68 6.22
N ASP B 83 4.33 17.16 5.13
CA ASP B 83 4.14 17.76 3.80
C ASP B 83 2.68 17.68 3.34
N GLU B 84 2.21 18.65 2.55
CA GLU B 84 0.87 18.57 1.97
C GLU B 84 0.91 17.74 0.69
N PHE B 85 -0.12 16.93 0.56
CA PHE B 85 -0.23 15.92 -0.46
C PHE B 85 0.00 16.46 -1.87
N LEU B 86 -0.61 17.61 -2.18
CA LEU B 86 -0.59 18.10 -3.55
C LEU B 86 0.77 18.70 -3.90
N THR B 87 1.40 19.36 -2.94
CA THR B 87 2.72 19.91 -3.15
C THR B 87 3.70 18.77 -3.37
N PHE B 88 3.56 17.73 -2.54
CA PHE B 88 4.38 16.54 -2.68
C PHE B 88 4.16 15.84 -4.02
N LEU B 89 2.89 15.66 -4.39
CA LEU B 89 2.51 15.00 -5.64
C LEU B 89 3.11 15.69 -6.87
N SER B 90 3.08 17.01 -6.91
CA SER B 90 3.69 17.76 -8.00
C SER B 90 5.20 17.46 -8.07
N ALA B 91 5.87 17.47 -6.92
CA ALA B 91 7.29 17.16 -6.84
C ALA B 91 7.59 15.72 -7.27
N ALA B 92 6.74 14.80 -6.81
CA ALA B 92 6.87 13.39 -7.20
C ALA B 92 6.71 13.21 -8.71
N ILE B 93 5.72 13.88 -9.30
CA ILE B 93 5.54 13.80 -10.75
C ILE B 93 6.77 14.34 -11.47
N PHE B 94 7.36 15.41 -10.95
CA PHE B 94 8.51 16.02 -11.62
C PHE B 94 9.72 15.12 -11.54
N LYS B 95 9.96 14.54 -10.38
CA LYS B 95 11.09 13.63 -10.18
C LYS B 95 11.06 12.42 -11.13
N GLN B 96 9.87 11.90 -11.41
CA GLN B 96 9.75 10.63 -12.13
C GLN B 96 9.42 10.78 -13.61
N SER B 97 9.07 11.98 -14.04
CA SER B 97 8.68 12.18 -15.41
C SER B 97 9.21 13.49 -15.97
N LYS B 98 9.65 14.39 -15.09
CA LYS B 98 9.99 15.75 -15.50
C LYS B 98 8.78 16.43 -16.15
N GLU B 99 7.57 15.92 -15.87
CA GLU B 99 6.36 16.58 -16.34
C GLU B 99 5.97 17.57 -15.26
N THR B 100 5.23 18.60 -15.65
CA THR B 100 4.93 19.70 -14.73
C THR B 100 3.42 19.75 -14.49
N VAL B 101 3.01 19.51 -13.25
CA VAL B 101 1.59 19.67 -12.90
C VAL B 101 1.45 20.46 -11.62
N ASP B 102 0.79 21.60 -11.73
CA ASP B 102 0.52 22.47 -10.60
C ASP B 102 -0.92 22.22 -10.10
N PHE B 103 -1.08 21.85 -8.82
CA PHE B 103 -2.41 21.45 -8.29
C PHE B 103 -3.13 22.51 -7.46
N THR B 104 -2.54 23.69 -7.44
CA THR B 104 -3.11 24.85 -6.79
C THR B 104 -4.19 25.60 -7.58
EU EU3 C . 1.14 3.48 13.02
EU EU3 C . 2.51 4.74 10.73
EU EU3 D . 5.43 0.89 16.83
EU EU3 D . 8.88 0.53 17.36
EU EU3 E . 11.45 1.75 2.96
EU EU3 E . 9.45 2.85 4.44
EU EU3 F . -3.71 -12.64 -18.10
EU EU3 G . 0.68 26.95 -7.72
EU EU3 G . -0.55 28.40 -9.98
EU EU3 H . -5.69 4.29 -19.19
EU EU3 I . -7.39 13.47 -21.07
EU EU3 J . -7.53 -0.86 1.06
EU EU3 K . 6.31 12.69 -24.60
EU EU3 K . 1.97 8.96 -24.21
#